data_3SB1
#
_entry.id   3SB1
#
_cell.length_a   83.306
_cell.length_b   39.291
_cell.length_c   65.192
_cell.angle_alpha   90.00
_cell.angle_beta   104.74
_cell.angle_gamma   90.00
#
_symmetry.space_group_name_H-M   'C 1 2 1'
#
loop_
_entity.id
_entity.type
_entity.pdbx_description
1 polymer 'hydrogenase expression protein'
2 non-polymer GLYCEROL
3 non-polymer 'TRIETHYLENE GLYCOL'
4 water water
#
_entity_poly.entity_id   1
_entity_poly.type   'polypeptide(L)'
_entity_poly.pdbx_seq_one_letter_code
;MHHHHHHSSGVDLGTENLYFQSNAMTREIIPILPEAPVETARSGNALPLLREIAEHLHHLLETGEASTIDLSALPLTPGD
LEWLRAELGGGEVSVTLHADGASTLDETAFPGVWWIIHRNAQGAVTTQFIEVAFVPELVKSPRADVAAARAALVLRMADL
;
_entity_poly.pdbx_strand_id   A,B
#
# COMPACT_ATOMS: atom_id res chain seq x y z
N ALA A 41 26.24 4.34 -17.87
CA ALA A 41 26.20 5.61 -18.65
C ALA A 41 25.13 6.57 -18.12
N ARG A 42 25.56 7.65 -17.46
CA ARG A 42 24.66 8.69 -16.92
C ARG A 42 24.82 9.96 -17.75
N SER A 43 23.71 10.63 -18.04
CA SER A 43 23.71 11.87 -18.85
C SER A 43 23.66 13.15 -17.99
N GLY A 44 23.31 12.99 -16.71
CA GLY A 44 23.19 14.10 -15.76
C GLY A 44 21.78 14.66 -15.78
N ASN A 45 20.94 14.08 -16.62
CA ASN A 45 19.62 14.64 -16.82
C ASN A 45 18.53 14.26 -15.85
N ALA A 46 18.86 13.41 -14.85
CA ALA A 46 17.89 13.08 -13.84
C ALA A 46 18.00 14.06 -12.65
N LEU A 47 19.09 14.81 -12.50
N LEU A 47 19.09 14.81 -12.58
CA LEU A 47 19.20 15.70 -11.31
CA LEU A 47 19.32 15.76 -11.47
C LEU A 47 18.08 16.75 -11.18
C LEU A 47 18.15 16.71 -11.22
N PRO A 48 17.58 17.29 -12.29
CA PRO A 48 16.46 18.23 -12.13
C PRO A 48 15.19 17.64 -11.53
N LEU A 49 15.12 16.33 -11.57
CA LEU A 49 13.95 15.66 -11.04
C LEU A 49 13.81 15.80 -9.54
N LEU A 50 14.91 16.03 -8.82
CA LEU A 50 14.72 16.21 -7.38
C LEU A 50 13.93 17.52 -7.14
N ARG A 51 14.24 18.58 -7.88
CA ARG A 51 13.55 19.83 -7.72
C ARG A 51 12.07 19.67 -8.09
N GLU A 52 11.80 18.88 -9.12
CA GLU A 52 10.44 18.65 -9.52
C GLU A 52 9.68 17.94 -8.42
N ILE A 53 10.29 16.92 -7.86
CA ILE A 53 9.67 16.17 -6.76
C ILE A 53 9.35 17.11 -5.62
N ALA A 54 10.30 17.97 -5.25
CA ALA A 54 10.07 18.90 -4.14
C ALA A 54 8.89 19.83 -4.43
N GLU A 55 8.73 20.25 -5.68
CA GLU A 55 7.62 21.11 -6.05
C GLU A 55 6.30 20.34 -5.98
N HIS A 56 6.31 19.11 -6.48
CA HIS A 56 5.10 18.27 -6.37
C HIS A 56 4.69 18.04 -4.92
N LEU A 57 5.67 17.84 -4.02
CA LEU A 57 5.39 17.70 -2.61
C LEU A 57 4.72 18.94 -2.02
N HIS A 58 5.22 20.13 -2.38
CA HIS A 58 4.61 21.36 -1.94
C HIS A 58 3.13 21.41 -2.44
N HIS A 59 2.92 21.03 -3.70
CA HIS A 59 1.60 21.06 -4.33
C HIS A 59 0.63 20.11 -3.60
N LEU A 60 1.11 18.92 -3.28
CA LEU A 60 0.31 17.93 -2.60
C LEU A 60 -0.11 18.48 -1.24
N LEU A 61 0.84 19.02 -0.49
CA LEU A 61 0.53 19.57 0.80
C LEU A 61 -0.44 20.75 0.76
N GLU A 62 -0.26 21.62 -0.20
CA GLU A 62 -1.11 22.79 -0.26
C GLU A 62 -2.51 22.51 -0.81
N THR A 63 -2.58 21.64 -1.81
CA THR A 63 -3.83 21.41 -2.53
C THR A 63 -4.52 20.09 -2.32
N GLY A 64 -3.79 19.11 -1.80
CA GLY A 64 -4.33 17.75 -1.60
C GLY A 64 -4.26 16.95 -2.90
N GLU A 65 -3.77 17.58 -3.97
CA GLU A 65 -3.71 16.96 -5.30
C GLU A 65 -2.40 16.21 -5.53
N ALA A 66 -2.57 14.94 -5.86
CA ALA A 66 -1.45 14.11 -6.22
C ALA A 66 -0.88 14.49 -7.63
N SER A 67 0.35 14.08 -7.89
CA SER A 67 1.01 14.37 -9.16
C SER A 67 1.84 13.16 -9.55
N THR A 68 2.23 13.13 -10.82
CA THR A 68 3.11 12.09 -11.29
C THR A 68 4.19 12.67 -12.18
N ILE A 69 5.32 11.96 -12.20
CA ILE A 69 6.45 12.23 -13.08
C ILE A 69 6.62 10.93 -13.89
N ASP A 70 6.28 11.02 -15.16
CA ASP A 70 6.35 9.87 -16.09
C ASP A 70 7.78 9.61 -16.56
N LEU A 71 8.47 8.78 -15.80
CA LEU A 71 9.84 8.47 -16.05
C LEU A 71 10.08 7.78 -17.38
N SER A 72 9.17 6.91 -17.78
N SER A 72 9.20 6.87 -17.75
CA SER A 72 9.32 6.19 -19.05
CA SER A 72 9.36 6.13 -19.00
C SER A 72 9.36 7.12 -20.24
C SER A 72 9.24 7.03 -20.26
N ALA A 73 8.66 8.23 -20.10
CA ALA A 73 8.55 9.21 -21.19
C ALA A 73 9.73 10.18 -21.28
N LEU A 74 10.60 10.19 -20.27
CA LEU A 74 11.76 11.12 -20.21
C LEU A 74 12.96 10.56 -20.91
N PRO A 75 13.83 11.44 -21.41
CA PRO A 75 15.03 11.00 -22.14
C PRO A 75 16.18 10.64 -21.16
N LEU A 76 15.90 9.75 -20.22
CA LEU A 76 16.87 9.31 -19.22
C LEU A 76 17.51 8.01 -19.66
N THR A 77 18.79 7.85 -19.37
CA THR A 77 19.49 6.60 -19.65
C THR A 77 19.21 5.63 -18.49
N PRO A 78 19.44 4.35 -18.71
CA PRO A 78 19.26 3.40 -17.63
C PRO A 78 20.12 3.81 -16.44
N GLY A 79 21.32 4.33 -16.66
CA GLY A 79 22.18 4.76 -15.58
C GLY A 79 21.54 5.91 -14.79
N ASP A 80 20.88 6.82 -15.51
CA ASP A 80 20.19 7.95 -14.88
C ASP A 80 19.09 7.47 -13.93
N LEU A 81 18.31 6.52 -14.39
CA LEU A 81 17.24 5.96 -13.57
C LEU A 81 17.79 5.21 -12.40
N GLU A 82 18.87 4.46 -12.57
CA GLU A 82 19.49 3.74 -11.43
C GLU A 82 19.97 4.75 -10.38
N TRP A 83 20.57 5.85 -10.85
CA TRP A 83 21.05 6.90 -9.96
C TRP A 83 19.88 7.48 -9.15
N LEU A 84 18.81 7.85 -9.82
CA LEU A 84 17.64 8.40 -9.16
C LEU A 84 17.02 7.42 -8.18
N ARG A 85 16.84 6.16 -8.56
N ARG A 85 16.89 6.17 -8.59
CA ARG A 85 16.24 5.16 -7.65
CA ARG A 85 16.32 5.15 -7.74
C ARG A 85 17.11 5.03 -6.41
C ARG A 85 17.11 5.01 -6.46
N ALA A 86 18.43 5.00 -6.61
CA ALA A 86 19.37 4.87 -5.47
C ALA A 86 19.35 6.11 -4.57
N GLU A 87 19.23 7.28 -5.18
CA GLU A 87 19.17 8.51 -4.41
C GLU A 87 17.91 8.68 -3.56
N LEU A 88 16.77 8.30 -4.10
CA LEU A 88 15.51 8.37 -3.38
C LEU A 88 15.37 7.31 -2.31
N GLY A 89 16.07 6.21 -2.50
CA GLY A 89 16.08 5.12 -1.53
C GLY A 89 14.80 4.36 -1.35
N GLY A 90 14.82 3.47 -0.37
CA GLY A 90 13.65 2.64 -0.08
C GLY A 90 13.09 3.09 1.22
N GLY A 91 11.75 3.06 1.32
CA GLY A 91 11.06 3.50 2.48
C GLY A 91 10.31 2.43 3.23
N GLU A 92 9.30 2.85 3.97
CA GLU A 92 8.62 1.93 4.87
C GLU A 92 7.59 1.04 4.24
N VAL A 93 7.03 1.43 3.10
CA VAL A 93 5.97 0.68 2.52
C VAL A 93 6.32 0.15 1.14
N SER A 94 6.05 -1.14 0.94
N SER A 94 6.05 -1.13 0.89
CA SER A 94 6.20 -1.76 -0.37
CA SER A 94 6.25 -1.74 -0.45
C SER A 94 4.89 -2.44 -0.74
C SER A 94 5.04 -2.59 -0.84
N VAL A 95 4.42 -2.22 -1.95
CA VAL A 95 3.20 -2.85 -2.37
C VAL A 95 3.38 -3.64 -3.67
N THR A 96 2.74 -4.81 -3.76
N THR A 96 2.74 -4.80 -3.74
CA THR A 96 2.70 -5.58 -5.01
CA THR A 96 2.67 -5.55 -4.98
C THR A 96 1.25 -5.87 -5.38
C THR A 96 1.19 -5.63 -5.34
N LEU A 97 0.92 -5.53 -6.63
CA LEU A 97 -0.42 -5.67 -7.16
C LEU A 97 -0.37 -6.65 -8.30
N HIS A 98 -1.21 -7.69 -8.25
CA HIS A 98 -1.15 -8.74 -9.29
C HIS A 98 -2.50 -8.84 -9.92
N ASP A 100 -3.61 -7.62 -14.14
CA ASP A 100 -3.06 -7.69 -15.50
C ASP A 100 -1.56 -7.48 -15.31
N GLY A 101 -0.76 -8.55 -15.42
CA GLY A 101 0.67 -8.45 -15.11
C GLY A 101 0.85 -8.15 -13.63
N ALA A 102 1.88 -7.38 -13.30
CA ALA A 102 2.14 -7.10 -11.91
C ALA A 102 2.75 -5.70 -11.75
N SER A 103 2.38 -5.05 -10.68
CA SER A 103 2.97 -3.76 -10.37
C SER A 103 3.66 -3.76 -9.00
N THR A 104 4.68 -2.94 -8.88
CA THR A 104 5.32 -2.69 -7.59
C THR A 104 5.12 -1.19 -7.34
N LEU A 105 4.68 -0.85 -6.14
CA LEU A 105 4.44 0.53 -5.71
C LEU A 105 5.23 0.63 -4.44
N ASP A 106 6.40 1.23 -4.55
CA ASP A 106 7.31 1.31 -3.42
C ASP A 106 7.47 2.72 -2.92
N GLU A 107 7.26 2.91 -1.63
CA GLU A 107 7.51 4.23 -1.07
C GLU A 107 9.05 4.38 -1.03
N THR A 108 9.54 5.53 -1.41
CA THR A 108 10.97 5.84 -1.30
C THR A 108 11.28 6.24 0.17
N ALA A 109 12.53 6.63 0.42
CA ALA A 109 12.90 7.07 1.74
C ALA A 109 12.21 8.39 2.14
N PHE A 110 11.63 9.09 1.16
CA PHE A 110 10.92 10.34 1.34
C PHE A 110 9.40 10.09 1.37
N PRO A 111 8.76 10.23 2.55
CA PRO A 111 7.32 10.01 2.64
C PRO A 111 6.56 10.84 1.63
N GLY A 112 5.57 10.22 1.00
CA GLY A 112 4.78 10.87 -0.06
C GLY A 112 5.33 10.70 -1.47
N VAL A 113 6.54 10.13 -1.61
CA VAL A 113 7.17 9.92 -2.91
C VAL A 113 7.28 8.46 -3.17
N TRP A 114 6.55 8.00 -4.19
CA TRP A 114 6.43 6.59 -4.52
C TRP A 114 6.98 6.27 -5.87
N TRP A 115 7.63 5.11 -5.99
CA TRP A 115 8.21 4.65 -7.29
C TRP A 115 7.32 3.49 -7.76
N ILE A 116 6.71 3.67 -8.93
N ILE A 116 6.68 3.66 -8.92
CA ILE A 116 5.77 2.73 -9.48
CA ILE A 116 5.77 2.65 -9.44
C ILE A 116 6.31 2.08 -10.76
C ILE A 116 6.20 2.09 -10.78
N ILE A 117 6.19 0.76 -10.84
CA ILE A 117 6.57 0.05 -12.05
C ILE A 117 5.47 -0.95 -12.37
N HIS A 118 4.95 -0.93 -13.60
CA HIS A 118 4.05 -2.00 -14.04
C HIS A 118 4.73 -2.84 -15.11
N ARG A 119 4.68 -4.17 -14.95
CA ARG A 119 5.16 -5.09 -15.94
C ARG A 119 3.97 -5.93 -16.47
N ASN A 120 3.99 -6.21 -17.77
CA ASN A 120 3.01 -7.09 -18.36
C ASN A 120 3.33 -8.53 -18.00
N ALA A 121 2.53 -9.46 -18.49
CA ALA A 121 2.68 -10.83 -18.09
C ALA A 121 4.02 -11.44 -18.50
N GLN A 122 4.62 -10.85 -19.54
CA GLN A 122 5.94 -11.26 -20.08
C GLN A 122 7.13 -10.60 -19.34
N GLY A 123 6.83 -9.66 -18.43
CA GLY A 123 7.84 -8.98 -17.65
C GLY A 123 8.28 -7.64 -18.19
N ALA A 124 7.76 -7.24 -19.36
CA ALA A 124 8.15 -5.99 -19.97
C ALA A 124 7.54 -4.83 -19.19
N VAL A 125 8.33 -3.81 -18.95
CA VAL A 125 7.82 -2.60 -18.23
C VAL A 125 6.95 -1.82 -19.19
N THR A 126 5.69 -1.62 -18.83
CA THR A 126 4.73 -0.82 -19.63
C THR A 126 4.70 0.63 -19.19
N THR A 127 5.02 0.87 -17.93
CA THR A 127 5.10 2.24 -17.37
C THR A 127 5.95 2.21 -16.12
N GLN A 128 6.70 3.29 -15.92
CA GLN A 128 7.51 3.48 -14.70
C GLN A 128 7.33 4.97 -14.41
N PHE A 129 7.00 5.30 -13.18
CA PHE A 129 6.76 6.66 -12.80
C PHE A 129 6.83 6.89 -11.34
N ILE A 130 7.02 8.17 -11.00
N ILE A 130 7.03 8.15 -10.98
CA ILE A 130 7.03 8.61 -9.61
CA ILE A 130 7.07 8.59 -9.60
C ILE A 130 5.61 9.14 -9.36
C ILE A 130 5.69 9.21 -9.31
N GLU A 131 5.05 8.79 -8.21
CA GLU A 131 3.73 9.32 -7.82
C GLU A 131 3.93 10.04 -6.51
N VAL A 132 3.60 11.35 -6.48
CA VAL A 132 3.69 12.16 -5.28
C VAL A 132 2.24 12.20 -4.76
N ALA A 133 2.03 11.53 -3.64
CA ALA A 133 0.70 11.27 -3.09
C ALA A 133 0.80 10.73 -1.69
N PHE A 134 -0.31 10.83 -0.93
CA PHE A 134 -0.37 10.25 0.37
C PHE A 134 -0.42 8.69 0.30
N VAL A 135 -0.99 8.16 -0.77
CA VAL A 135 -0.99 6.72 -1.05
C VAL A 135 -1.26 6.62 -2.55
N PRO A 136 -0.59 5.67 -3.24
CA PRO A 136 -0.87 5.57 -4.67
C PRO A 136 -2.33 5.18 -4.93
N GLU A 137 -2.90 5.77 -5.98
CA GLU A 137 -4.30 5.53 -6.29
C GLU A 137 -4.61 4.04 -6.47
N LEU A 138 -3.68 3.35 -7.06
CA LEU A 138 -3.89 1.96 -7.40
C LEU A 138 -4.10 0.98 -6.26
N VAL A 139 -3.64 1.31 -5.07
N VAL A 139 -3.64 1.36 -5.07
CA VAL A 139 -3.76 0.34 -3.99
CA VAL A 139 -3.67 0.51 -3.86
C VAL A 139 -5.17 0.31 -3.40
C VAL A 139 -5.05 0.48 -3.19
N LYS A 140 -5.90 1.42 -3.56
CA LYS A 140 -7.20 1.56 -2.95
C LYS A 140 -8.23 0.70 -3.59
N SER A 141 -9.03 0.06 -2.76
CA SER A 141 -10.11 -0.77 -3.28
C SER A 141 -11.27 0.17 -3.70
N PRO A 142 -11.74 0.12 -4.94
CA PRO A 142 -12.84 0.98 -5.33
C PRO A 142 -14.14 0.68 -4.58
N ARG A 143 -14.98 1.68 -4.42
CA ARG A 143 -16.24 1.52 -3.73
C ARG A 143 -17.15 0.44 -4.33
N ALA A 144 -17.19 0.33 -5.67
CA ALA A 144 -18.04 -0.65 -6.30
C ALA A 144 -17.56 -2.05 -5.93
N ASP A 145 -16.25 -2.25 -5.81
CA ASP A 145 -15.70 -3.56 -5.45
C ASP A 145 -16.02 -3.91 -3.97
N VAL A 146 -15.92 -2.90 -3.10
CA VAL A 146 -16.24 -3.08 -1.69
C VAL A 146 -17.72 -3.41 -1.52
N ALA A 147 -18.58 -2.72 -2.31
CA ALA A 147 -20.03 -2.96 -2.21
C ALA A 147 -20.32 -4.44 -2.63
N ALA A 148 -19.65 -4.93 -3.68
CA ALA A 148 -19.82 -6.31 -4.12
C ALA A 148 -19.29 -7.25 -3.04
N ALA A 149 -18.19 -6.87 -2.36
CA ALA A 149 -17.65 -7.69 -1.30
C ALA A 149 -18.66 -7.89 -0.19
N ARG A 150 -19.33 -6.80 0.19
CA ARG A 150 -20.31 -6.86 1.24
C ARG A 150 -21.44 -7.83 0.87
N ALA A 151 -21.93 -7.73 -0.36
CA ALA A 151 -22.99 -8.60 -0.84
C ALA A 151 -22.52 -10.05 -0.84
N ALA A 152 -21.29 -10.27 -1.31
CA ALA A 152 -20.75 -11.63 -1.36
C ALA A 152 -20.63 -12.21 0.05
N LEU A 153 -20.18 -11.41 1.02
CA LEU A 153 -19.99 -11.91 2.38
C LEU A 153 -21.33 -12.25 3.05
N VAL A 154 -22.33 -11.39 2.86
CA VAL A 154 -23.66 -11.66 3.39
C VAL A 154 -24.20 -12.96 2.81
N LEU A 155 -23.99 -13.19 1.51
CA LEU A 155 -24.46 -14.42 0.90
C LEU A 155 -23.72 -15.66 1.45
N ARG A 156 -22.41 -15.55 1.61
CA ARG A 156 -21.57 -16.63 2.09
C ARG A 156 -21.94 -17.01 3.51
N MET A 157 -22.30 -16.05 4.33
CA MET A 157 -22.65 -16.38 5.72
C MET A 157 -23.84 -17.29 5.89
N ALA A 158 -24.78 -17.21 4.96
CA ALA A 158 -25.94 -18.08 4.99
C ALA A 158 -25.53 -19.55 4.78
N ASP A 159 -24.37 -19.79 4.19
CA ASP A 159 -23.87 -21.14 3.89
C ASP A 159 -23.04 -21.79 5.01
N LEU A 160 -22.71 -21.03 6.05
CA LEU A 160 -21.83 -21.51 7.11
C LEU A 160 -22.58 -21.88 8.38
N ALA B 41 -10.96 -28.50 17.80
CA ALA B 41 -10.25 -28.02 16.64
C ALA B 41 -10.65 -26.56 16.34
N ARG B 42 -11.95 -26.33 16.22
CA ARG B 42 -12.50 -25.01 15.97
C ARG B 42 -13.42 -24.59 17.11
N SER B 43 -13.42 -23.30 17.40
CA SER B 43 -14.18 -22.79 18.51
C SER B 43 -15.59 -22.35 18.21
N GLY B 44 -15.90 -22.06 16.97
CA GLY B 44 -17.21 -21.56 16.55
C GLY B 44 -17.25 -20.03 16.60
N ASN B 45 -16.22 -19.40 17.15
CA ASN B 45 -16.11 -17.92 17.24
C ASN B 45 -15.81 -17.28 15.92
N ALA B 46 -15.31 -18.06 14.97
CA ALA B 46 -14.98 -17.49 13.67
C ALA B 46 -16.20 -16.98 12.86
N LEU B 47 -17.39 -17.58 12.99
CA LEU B 47 -18.58 -17.07 12.24
C LEU B 47 -19.14 -15.67 12.77
N PRO B 48 -19.31 -15.52 14.10
CA PRO B 48 -19.70 -14.17 14.52
C PRO B 48 -18.63 -13.18 13.95
N LEU B 49 -17.41 -13.67 13.73
CA LEU B 49 -16.36 -12.84 13.12
C LEU B 49 -16.77 -12.37 11.72
N LEU B 50 -17.31 -13.28 10.92
CA LEU B 50 -17.77 -12.88 9.61
C LEU B 50 -18.90 -11.84 9.64
N ARG B 51 -19.87 -11.99 10.55
CA ARG B 51 -20.95 -11.03 10.67
C ARG B 51 -20.36 -9.68 11.03
N GLU B 52 -19.36 -9.68 11.91
CA GLU B 52 -18.74 -8.38 12.32
C GLU B 52 -18.06 -7.74 11.13
N ILE B 53 -17.31 -8.53 10.37
CA ILE B 53 -16.69 -8.01 9.14
C ILE B 53 -17.75 -7.40 8.20
N ALA B 54 -18.85 -8.11 7.96
CA ALA B 54 -19.93 -7.60 7.09
C ALA B 54 -20.49 -6.30 7.62
N GLU B 55 -20.61 -6.17 8.93
CA GLU B 55 -21.11 -4.93 9.51
C GLU B 55 -20.11 -3.83 9.28
N HIS B 56 -18.84 -4.17 9.43
CA HIS B 56 -17.80 -3.16 9.20
C HIS B 56 -17.79 -2.69 7.74
N LEU B 57 -18.01 -3.61 6.80
CA LEU B 57 -18.09 -3.22 5.38
C LEU B 57 -19.25 -2.29 5.17
N HIS B 58 -20.39 -2.58 5.81
CA HIS B 58 -21.54 -1.67 5.72
C HIS B 58 -21.16 -0.27 6.23
N HIS B 59 -20.54 -0.22 7.40
CA HIS B 59 -20.11 1.00 7.99
C HIS B 59 -19.15 1.78 7.05
N LEU B 60 -18.22 1.06 6.45
CA LEU B 60 -17.23 1.68 5.52
C LEU B 60 -17.97 2.32 4.35
N LEU B 61 -18.92 1.61 3.78
CA LEU B 61 -19.63 2.09 2.64
C LEU B 61 -20.53 3.29 2.99
N GLU B 62 -21.15 3.26 4.17
CA GLU B 62 -22.04 4.34 4.54
C GLU B 62 -21.38 5.58 5.09
N THR B 63 -20.28 5.43 5.81
CA THR B 63 -19.68 6.58 6.44
C THR B 63 -18.30 6.86 5.92
N GLY B 64 -17.70 5.89 5.26
CA GLY B 64 -16.33 6.01 4.84
C GLY B 64 -15.42 5.72 6.03
N GLU B 65 -15.97 5.34 7.17
CA GLU B 65 -15.14 5.06 8.34
C GLU B 65 -14.61 3.62 8.27
N ALA B 66 -13.29 3.53 8.32
CA ALA B 66 -12.56 2.25 8.38
C ALA B 66 -12.61 1.73 9.80
N SER B 67 -12.31 0.46 9.96
CA SER B 67 -12.39 -0.16 11.27
C SER B 67 -11.37 -1.26 11.32
N THR B 68 -11.02 -1.68 12.54
CA THR B 68 -10.12 -2.78 12.70
C THR B 68 -10.72 -3.76 13.69
N ILE B 69 -10.46 -5.06 13.49
CA ILE B 69 -10.81 -6.11 14.45
C ILE B 69 -9.50 -6.76 14.96
N ASP B 70 -9.28 -6.72 16.27
CA ASP B 70 -8.08 -7.34 16.87
C ASP B 70 -8.35 -8.83 17.07
N LEU B 71 -7.73 -9.68 16.26
CA LEU B 71 -7.97 -11.11 16.38
C LEU B 71 -7.58 -11.71 17.73
N SER B 72 -6.79 -11.02 18.54
CA SER B 72 -6.49 -11.57 19.89
C SER B 72 -7.58 -11.23 20.94
N ALA B 73 -8.70 -10.66 20.48
CA ALA B 73 -9.83 -10.29 21.35
C ALA B 73 -10.58 -11.54 21.74
N LEU B 74 -10.59 -12.51 20.83
CA LEU B 74 -11.23 -13.81 21.09
C LEU B 74 -10.20 -14.92 21.18
N PRO B 75 -10.56 -16.01 21.87
CA PRO B 75 -9.64 -17.16 21.99
C PRO B 75 -9.79 -18.10 20.77
N LEU B 76 -9.23 -17.67 19.68
CA LEU B 76 -9.31 -18.42 18.45
C LEU B 76 -8.21 -19.48 18.36
N THR B 77 -8.53 -20.66 17.85
CA THR B 77 -7.58 -21.75 17.65
C THR B 77 -6.83 -21.64 16.35
N PRO B 78 -5.69 -22.24 16.28
CA PRO B 78 -5.06 -22.24 14.98
C PRO B 78 -6.16 -22.61 14.00
N GLY B 79 -7.17 -23.29 14.50
CA GLY B 79 -8.23 -23.76 13.63
C GLY B 79 -9.14 -22.63 13.22
N ASP B 80 -9.47 -21.79 14.14
CA ASP B 80 -10.38 -20.68 13.87
C ASP B 80 -9.73 -19.69 12.93
N LEU B 81 -8.56 -19.20 13.32
CA LEU B 81 -7.87 -18.26 12.44
C LEU B 81 -7.57 -18.90 11.08
N GLU B 82 -7.23 -20.19 11.09
CA GLU B 82 -6.97 -20.92 9.86
C GLU B 82 -8.24 -20.99 8.99
N TRP B 83 -9.37 -21.29 9.61
CA TRP B 83 -10.64 -21.33 8.88
C TRP B 83 -11.01 -19.96 8.33
N LEU B 84 -10.85 -18.90 9.15
CA LEU B 84 -11.19 -17.54 8.73
C LEU B 84 -10.34 -17.11 7.53
N ARG B 85 -9.05 -17.45 7.60
CA ARG B 85 -8.13 -17.07 6.52
C ARG B 85 -8.53 -17.76 5.22
N ALA B 86 -8.92 -19.03 5.30
CA ALA B 86 -9.37 -19.76 4.13
C ALA B 86 -10.67 -19.22 3.58
N GLU B 87 -11.63 -18.89 4.45
CA GLU B 87 -12.91 -18.32 4.00
C GLU B 87 -12.73 -16.99 3.30
N LEU B 88 -11.83 -16.16 3.81
CA LEU B 88 -11.63 -14.83 3.26
C LEU B 88 -10.85 -14.86 1.97
N GLY B 89 -9.96 -15.85 1.82
CA GLY B 89 -9.20 -15.99 0.61
C GLY B 89 -8.14 -14.93 0.37
N GLY B 90 -7.56 -14.98 -0.82
CA GLY B 90 -6.53 -14.03 -1.22
C GLY B 90 -6.99 -13.11 -2.33
N GLY B 91 -6.53 -11.86 -2.24
CA GLY B 91 -6.80 -10.80 -3.15
C GLY B 91 -5.60 -10.54 -4.04
N GLU B 92 -5.60 -9.36 -4.65
CA GLU B 92 -4.58 -8.98 -5.63
C GLU B 92 -3.54 -8.02 -5.10
N VAL B 93 -3.70 -7.58 -3.85
CA VAL B 93 -2.80 -6.55 -3.31
C VAL B 93 -2.13 -7.04 -2.05
N SER B 94 -0.81 -6.95 -2.03
N SER B 94 -0.81 -6.95 -2.00
CA SER B 94 -0.03 -7.34 -0.87
CA SER B 94 -0.06 -7.36 -0.82
C SER B 94 0.87 -6.17 -0.47
C SER B 94 0.96 -6.28 -0.44
N VAL B 95 0.90 -5.84 0.81
CA VAL B 95 1.75 -4.74 1.30
C VAL B 95 2.67 -5.21 2.39
N THR B 96 3.92 -4.75 2.35
CA THR B 96 4.88 -4.96 3.45
C THR B 96 5.13 -3.62 4.08
N LEU B 97 5.08 -3.54 5.41
CA LEU B 97 5.40 -2.31 6.18
C LEU B 97 6.61 -2.65 7.01
N HIS B 98 7.66 -1.83 6.90
CA HIS B 98 8.85 -2.12 7.67
C HIS B 98 8.93 -1.23 8.88
N ALA B 99 9.13 -1.84 10.04
CA ALA B 99 9.26 -1.11 11.31
C ALA B 99 10.72 -1.07 11.78
N GLY B 101 11.04 -4.88 12.95
CA GLY B 101 9.95 -5.78 12.60
C GLY B 101 9.32 -5.55 11.22
N ALA B 102 8.39 -6.43 10.86
CA ALA B 102 7.75 -6.37 9.57
C ALA B 102 6.29 -6.75 9.66
N SER B 103 5.45 -6.05 8.92
CA SER B 103 4.05 -6.35 8.88
C SER B 103 3.67 -6.63 7.43
N THR B 104 2.70 -7.52 7.28
CA THR B 104 2.13 -7.80 5.98
C THR B 104 0.65 -7.43 6.08
N LEU B 105 0.18 -6.70 5.05
CA LEU B 105 -1.19 -6.27 4.93
C LEU B 105 -1.65 -6.79 3.62
N ASP B 106 -2.44 -7.86 3.66
CA ASP B 106 -2.85 -8.55 2.43
C ASP B 106 -4.31 -8.38 2.21
N GLU B 107 -4.70 -7.86 1.04
CA GLU B 107 -6.10 -7.76 0.75
C GLU B 107 -6.63 -9.17 0.49
N THR B 108 -7.74 -9.49 1.14
CA THR B 108 -8.36 -10.80 0.96
C THR B 108 -9.10 -10.83 -0.34
N ALA B 109 -9.83 -11.93 -0.60
CA ALA B 109 -10.64 -11.99 -1.81
C ALA B 109 -11.89 -11.13 -1.77
N PHE B 110 -12.15 -10.49 -0.60
CA PHE B 110 -13.27 -9.60 -0.39
C PHE B 110 -12.67 -8.20 -0.34
N PRO B 111 -12.79 -7.47 -1.43
CA PRO B 111 -12.25 -6.11 -1.50
C PRO B 111 -12.70 -5.27 -0.30
N GLY B 112 -11.74 -4.54 0.27
CA GLY B 112 -11.96 -3.75 1.45
C GLY B 112 -11.67 -4.48 2.74
N VAL B 113 -11.43 -5.79 2.68
CA VAL B 113 -11.11 -6.60 3.88
C VAL B 113 -9.65 -7.06 3.80
N TRP B 114 -8.84 -6.59 4.73
CA TRP B 114 -7.41 -6.78 4.75
C TRP B 114 -7.00 -7.58 5.94
N TRP B 115 -6.12 -8.56 5.72
CA TRP B 115 -5.58 -9.39 6.82
C TRP B 115 -4.20 -8.81 7.17
N ILE B 116 -4.00 -8.46 8.42
CA ILE B 116 -2.77 -7.82 8.85
C ILE B 116 -2.04 -8.75 9.81
N ILE B 117 -0.75 -8.99 9.52
CA ILE B 117 0.11 -9.82 10.37
C ILE B 117 1.32 -8.97 10.76
N HIS B 118 1.54 -8.79 12.06
CA HIS B 118 2.70 -8.11 12.53
C HIS B 118 3.67 -9.19 13.03
N ARG B 119 4.93 -9.07 12.61
CA ARG B 119 5.99 -9.97 13.03
C ARG B 119 7.13 -9.20 13.66
N ASN B 120 7.85 -9.84 14.56
CA ASN B 120 9.03 -9.23 15.09
C ASN B 120 10.19 -9.33 14.08
N ALA B 121 11.37 -8.86 14.45
CA ALA B 121 12.50 -8.81 13.52
C ALA B 121 13.06 -10.18 13.17
N GLN B 122 12.63 -11.20 13.91
N GLN B 122 12.60 -11.20 13.88
CA GLN B 122 13.03 -12.59 13.65
CA GLN B 122 13.03 -12.59 13.64
C GLN B 122 12.00 -13.38 12.85
C GLN B 122 11.94 -13.42 12.96
N GLY B 123 10.86 -12.77 12.53
CA GLY B 123 9.80 -13.40 11.79
C GLY B 123 8.64 -14.00 12.57
N ALA B 124 8.67 -13.91 13.90
CA ALA B 124 7.62 -14.45 14.74
C ALA B 124 6.40 -13.54 14.74
N VAL B 125 5.24 -14.14 14.58
CA VAL B 125 3.99 -13.38 14.57
C VAL B 125 3.73 -12.88 15.98
N THR B 126 3.44 -11.59 16.11
CA THR B 126 3.13 -10.98 17.41
C THR B 126 1.64 -10.68 17.56
N THR B 127 1.03 -10.16 16.51
CA THR B 127 -0.40 -9.86 16.54
C THR B 127 -0.98 -9.97 15.14
N GLN B 128 -2.28 -10.24 15.05
CA GLN B 128 -2.97 -10.30 13.77
C GLN B 128 -4.27 -9.50 13.89
N PHE B 129 -4.66 -8.82 12.82
CA PHE B 129 -5.89 -8.02 12.81
C PHE B 129 -6.56 -8.14 11.48
N ILE B 130 -7.85 -7.76 11.43
CA ILE B 130 -8.52 -7.59 10.16
C ILE B 130 -8.86 -6.09 10.11
N GLU B 131 -8.53 -5.44 9.01
CA GLU B 131 -8.86 -4.04 8.83
C GLU B 131 -9.84 -3.97 7.66
N VAL B 132 -10.93 -3.23 7.85
CA VAL B 132 -11.95 -2.98 6.81
C VAL B 132 -11.69 -1.53 6.43
N ALA B 133 -11.27 -1.32 5.19
CA ALA B 133 -10.86 -0.01 4.70
C ALA B 133 -10.66 -0.03 3.23
N PHE B 134 -10.72 1.15 2.61
CA PHE B 134 -10.38 1.25 1.19
C PHE B 134 -8.86 0.97 1.02
N VAL B 135 -8.08 1.39 2.01
CA VAL B 135 -6.64 1.08 2.10
C VAL B 135 -6.31 1.21 3.60
N PRO B 136 -5.48 0.31 4.14
CA PRO B 136 -5.17 0.41 5.53
C PRO B 136 -4.51 1.73 5.85
N GLU B 137 -4.90 2.31 6.96
CA GLU B 137 -4.46 3.64 7.32
C GLU B 137 -2.94 3.71 7.39
N LEU B 138 -2.32 2.63 7.86
CA LEU B 138 -0.85 2.55 8.01
C LEU B 138 -0.07 2.73 6.73
N VAL B 139 -0.72 2.51 5.60
CA VAL B 139 -0.06 2.63 4.31
C VAL B 139 0.14 4.10 3.94
N LYS B 140 -0.74 4.95 4.40
CA LYS B 140 -0.73 6.36 4.01
C LYS B 140 0.42 7.17 4.59
N SER B 141 0.98 8.05 3.77
CA SER B 141 2.02 8.90 4.28
C SER B 141 1.34 10.04 5.05
N PRO B 142 1.71 10.21 6.31
CA PRO B 142 1.10 11.30 7.07
C PRO B 142 1.55 12.71 6.60
N ARG B 143 0.65 13.69 6.67
N ARG B 143 0.69 13.71 6.73
CA ARG B 143 1.02 15.06 6.26
CA ARG B 143 1.08 15.08 6.29
C ARG B 143 2.30 15.66 6.87
C ARG B 143 2.35 15.64 6.87
N ALA B 144 2.53 15.53 8.18
CA ALA B 144 3.71 16.05 8.79
C ALA B 144 4.98 15.42 8.23
N ASP B 145 4.87 14.13 7.89
CA ASP B 145 6.00 13.40 7.32
C ASP B 145 6.28 13.86 5.90
N VAL B 146 5.23 14.12 5.14
CA VAL B 146 5.37 14.64 3.77
C VAL B 146 6.00 16.06 3.81
N ALA B 147 5.60 16.90 4.77
CA ALA B 147 6.26 18.20 4.85
C ALA B 147 7.73 18.07 5.18
N ALA B 148 8.06 17.15 6.09
CA ALA B 148 9.42 16.93 6.50
C ALA B 148 10.23 16.29 5.37
N ALA B 149 9.57 15.48 4.55
CA ALA B 149 10.18 14.91 3.36
C ALA B 149 10.62 16.02 2.41
N ARG B 150 9.75 17.00 2.18
N ARG B 150 9.76 17.02 2.12
CA ARG B 150 10.08 18.07 1.30
CA ARG B 150 10.20 18.11 1.22
C ARG B 150 11.32 18.84 1.84
C ARG B 150 11.37 18.89 1.83
N ALA B 151 11.33 19.11 3.14
CA ALA B 151 12.45 19.81 3.77
C ALA B 151 13.77 19.02 3.63
N ALA B 152 13.68 17.71 3.80
CA ALA B 152 14.83 16.87 3.68
C ALA B 152 15.39 16.92 2.23
N LEU B 153 14.48 16.90 1.26
CA LEU B 153 14.85 16.94 -0.13
C LEU B 153 15.50 18.26 -0.54
N VAL B 154 14.97 19.36 0.00
CA VAL B 154 15.50 20.65 -0.27
C VAL B 154 16.92 20.72 0.28
N LEU B 155 17.12 20.14 1.47
CA LEU B 155 18.44 20.16 2.08
C LEU B 155 19.39 19.28 1.31
N ARG B 156 18.90 18.13 0.84
CA ARG B 156 19.69 17.19 0.08
C ARG B 156 20.14 17.81 -1.24
N MET B 157 19.26 18.55 -1.90
CA MET B 157 19.57 19.25 -3.15
C MET B 157 20.75 20.20 -2.99
N ALA B 158 20.93 20.77 -1.80
CA ALA B 158 22.07 21.67 -1.54
C ALA B 158 23.44 20.94 -1.42
N ASP B 159 23.45 19.60 -1.37
CA ASP B 159 24.70 18.82 -1.26
C ASP B 159 25.00 18.03 -2.54
N LEU B 160 24.19 18.19 -3.59
CA LEU B 160 24.41 17.47 -4.85
C LEU B 160 24.97 18.43 -5.90
#